data_6QUA
#
_entry.id   6QUA
#
_cell.length_a   47.279
_cell.length_b   84.665
_cell.length_c   90.400
_cell.angle_alpha   81.91
_cell.angle_beta   87.13
_cell.angle_gamma   75.61
#
_symmetry.space_group_name_H-M   'P 1'
#
loop_
_entity.id
_entity.type
_entity.pdbx_description
1 polymer 'hsRosR-DNA binding protein'
2 polymer 'DNA (28-MER)'
3 polymer 'DNA (28-MER)'
4 non-polymer 'MANGANESE (II) ION'
5 non-polymer 'SULFATE ION'
6 water water
#
loop_
_entity_poly.entity_id
_entity_poly.type
_entity_poly.pdbx_seq_one_letter_code
_entity_poly.pdbx_strand_id
1 'polypeptide(L)'
;PDARSDARDLTAFQKNILTVLGEEARYGLAIKRELEEYYGEEVNHGRLYPNLDDLVNKGLVEKSELDKRTNEYALTNEGF
DAVVDDLEWTLSKFVADADRRERVETIVADDAAALEH
;
A,B,C,D
2 'polydeoxyribonucleotide'
;(DC)(DG)(DC)(DT)(DA)(DG)(DT)(DG)(DT)(DC)(DA)(DG)(DG)(DG)(DG)(DA)(DA)(DA)(DT)(DA)
(DC)(DA)(DC)(DG)(DT)(DC)(DG)(DC)
;
E,G
3 'polydeoxyribonucleotide'
;(DG)(DC)(DG)(DA)(DC)(DG)(DT)(DG)(DT)(DA)(DT)(DT)(DT)(DC)(DC)(DC)(DC)(DT)(DG)(DA)
(DC)(DA)(DC)(DT)(DA)(DG)(DC)(DG)
;
F,H
#
# COMPACT_ATOMS: atom_id res chain seq x y z
N SER A 5 30.75 9.98 4.22
CA SER A 5 30.12 8.73 4.64
C SER A 5 29.34 8.93 5.93
N ASP A 6 28.15 9.53 5.81
CA ASP A 6 27.28 9.71 6.97
C ASP A 6 26.13 8.77 6.90
N ALA A 7 24.99 9.14 6.33
CA ALA A 7 23.85 8.28 6.16
C ALA A 7 24.01 7.30 5.02
N ARG A 8 25.20 7.25 4.40
CA ARG A 8 25.40 6.39 3.24
C ARG A 8 25.45 4.92 3.65
N ASP A 9 26.22 4.58 4.68
CA ASP A 9 26.43 3.20 5.06
C ASP A 9 25.30 2.63 5.92
N LEU A 10 24.21 3.36 6.08
CA LEU A 10 23.07 2.83 6.81
C LEU A 10 22.49 1.61 6.10
N THR A 11 21.77 0.78 6.86
CA THR A 11 21.07 -0.34 6.26
C THR A 11 19.71 0.11 5.74
N ALA A 12 19.19 -0.65 4.77
CA ALA A 12 17.83 -0.41 4.32
C ALA A 12 16.86 -0.42 5.50
N PHE A 13 16.94 -1.46 6.32
CA PHE A 13 16.08 -1.55 7.49
C PHE A 13 16.19 -0.30 8.36
N GLN A 14 17.41 0.19 8.56
CA GLN A 14 17.60 1.32 9.47
C GLN A 14 16.99 2.59 8.90
N LYS A 15 17.30 2.92 7.64
CA LYS A 15 16.76 4.14 7.04
C LYS A 15 15.24 4.11 7.00
N ASN A 16 14.65 2.92 6.84
CA ASN A 16 13.21 2.80 6.95
C ASN A 16 12.73 3.33 8.29
N ILE A 17 13.45 2.97 9.36
CA ILE A 17 13.10 3.49 10.68
C ILE A 17 13.29 5.00 10.74
N LEU A 18 14.21 5.55 9.95
CA LEU A 18 14.39 7.00 9.95
C LEU A 18 13.21 7.69 9.29
N THR A 19 12.82 7.24 8.10
CA THR A 19 11.67 7.84 7.44
C THR A 19 10.40 7.62 8.26
N VAL A 20 10.33 6.51 9.00
CA VAL A 20 9.20 6.29 9.90
C VAL A 20 9.09 7.45 10.90
N LEU A 21 10.21 7.80 11.54
CA LEU A 21 10.21 8.83 12.56
C LEU A 21 10.06 10.23 11.97
N GLY A 22 10.31 10.39 10.67
CA GLY A 22 10.09 11.69 10.04
C GLY A 22 8.64 12.11 10.09
N GLU A 23 7.72 11.15 10.04
CA GLU A 23 6.30 11.47 10.12
C GLU A 23 5.93 11.96 11.51
N GLU A 24 6.34 11.23 12.54
CA GLU A 24 6.14 11.64 13.93
C GLU A 24 6.90 10.67 14.82
N ALA A 25 7.34 11.17 15.97
CA ALA A 25 8.05 10.33 16.92
C ALA A 25 7.12 9.26 17.49
N ARG A 26 7.68 8.08 17.75
CA ARG A 26 6.90 6.95 18.22
C ARG A 26 7.71 6.19 19.26
N TYR A 27 7.13 5.12 19.80
CA TYR A 27 7.59 4.58 21.07
C TYR A 27 8.19 3.17 21.00
N GLY A 28 8.28 2.57 19.82
CA GLY A 28 8.88 1.24 19.74
C GLY A 28 7.98 0.24 19.06
N LEU A 29 7.14 -0.45 19.83
CA LEU A 29 6.14 -1.31 19.18
C LEU A 29 5.29 -0.51 18.21
N ALA A 30 5.16 0.80 18.45
CA ALA A 30 4.50 1.66 17.48
C ALA A 30 5.26 1.69 16.16
N ILE A 31 6.58 1.52 16.21
CA ILE A 31 7.37 1.43 14.99
C ILE A 31 7.23 0.05 14.37
N LYS A 32 7.22 -0.99 15.20
CA LYS A 32 7.07 -2.34 14.68
C LYS A 32 5.79 -2.45 13.85
N ARG A 33 4.68 -1.92 14.37
CA ARG A 33 3.41 -2.03 13.66
C ARG A 33 3.48 -1.38 12.29
N GLU A 34 3.99 -0.15 12.22
CA GLU A 34 4.05 0.55 10.93
C GLU A 34 5.05 -0.10 9.98
N LEU A 35 6.15 -0.65 10.51
CA LEU A 35 7.08 -1.39 9.67
C LEU A 35 6.46 -2.71 9.21
N GLU A 36 5.68 -3.35 10.08
CA GLU A 36 4.97 -4.56 9.69
C GLU A 36 4.05 -4.29 8.50
N GLU A 37 3.50 -3.08 8.41
CA GLU A 37 2.53 -2.78 7.36
C GLU A 37 3.21 -2.46 6.04
N TYR A 38 4.38 -1.83 6.08
CA TYR A 38 5.10 -1.55 4.83
C TYR A 38 5.67 -2.83 4.24
N TYR A 39 6.48 -3.56 5.01
CA TYR A 39 7.07 -4.80 4.51
C TYR A 39 6.00 -5.77 4.04
N GLY A 40 5.00 -6.01 4.88
CA GLY A 40 4.03 -7.05 4.64
C GLY A 40 4.31 -8.34 5.38
N GLU A 41 4.99 -8.28 6.51
CA GLU A 41 5.34 -9.46 7.28
C GLU A 41 5.60 -9.03 8.72
N GLU A 42 5.71 -10.01 9.60
CA GLU A 42 5.98 -9.77 11.01
C GLU A 42 7.43 -9.35 11.18
N VAL A 43 7.66 -8.25 11.87
CA VAL A 43 9.03 -7.82 12.13
C VAL A 43 9.34 -8.14 13.57
N ASN A 44 10.36 -8.96 13.76
CA ASN A 44 10.60 -9.40 15.12
C ASN A 44 11.39 -8.36 15.86
N HIS A 45 10.86 -8.05 17.05
CA HIS A 45 11.44 -7.04 17.91
C HIS A 45 12.90 -7.34 18.24
N GLY A 46 13.30 -8.62 18.19
CA GLY A 46 14.70 -8.94 18.29
C GLY A 46 15.55 -8.28 17.22
N ARG A 47 14.94 -7.91 16.10
CA ARG A 47 15.63 -7.19 15.04
C ARG A 47 15.47 -5.68 15.17
N LEU A 48 14.30 -5.23 15.63
CA LEU A 48 14.00 -3.80 15.70
C LEU A 48 14.91 -3.09 16.68
N TYR A 49 14.75 -3.37 17.97
CA TYR A 49 15.44 -2.65 19.02
C TYR A 49 16.94 -2.51 18.74
N PRO A 50 17.68 -3.62 18.59
CA PRO A 50 19.14 -3.47 18.44
C PRO A 50 19.55 -2.47 17.38
N ASN A 51 18.88 -2.47 16.21
CA ASN A 51 19.23 -1.50 15.17
C ASN A 51 18.91 -0.08 15.61
N LEU A 52 17.81 0.11 16.35
CA LEU A 52 17.49 1.42 16.89
C LEU A 52 18.65 1.95 17.72
N ASP A 53 19.13 1.16 18.68
CA ASP A 53 20.21 1.62 19.55
C ASP A 53 21.52 1.83 18.80
N ASP A 54 21.63 1.39 17.55
CA ASP A 54 22.83 1.75 16.81
C ASP A 54 22.70 3.16 16.24
N LEU A 55 21.49 3.61 15.92
CA LEU A 55 21.32 4.96 15.40
C LEU A 55 21.50 6.01 16.49
N VAL A 56 21.01 5.73 17.71
CA VAL A 56 21.17 6.65 18.82
C VAL A 56 22.64 6.99 19.01
N ASN A 57 23.50 5.96 19.06
CA ASN A 57 24.92 6.15 19.34
C ASN A 57 25.66 6.74 18.15
N LYS A 58 24.99 6.90 17.01
CA LYS A 58 25.54 7.61 15.87
C LYS A 58 24.87 8.97 15.66
N GLY A 59 24.02 9.39 16.60
CA GLY A 59 23.53 10.75 16.63
C GLY A 59 22.37 11.06 15.70
N LEU A 60 21.65 10.05 15.24
CA LEU A 60 20.49 10.26 14.37
C LEU A 60 19.17 10.05 15.08
N VAL A 61 19.16 9.45 16.26
CA VAL A 61 17.94 9.16 17.00
C VAL A 61 18.19 9.45 18.47
N GLU A 62 17.16 9.90 19.17
CA GLU A 62 17.24 10.19 20.59
C GLU A 62 16.21 9.34 21.32
N LYS A 63 16.69 8.53 22.27
CA LYS A 63 15.87 7.55 22.96
C LYS A 63 15.44 8.15 24.31
N SER A 64 14.49 9.07 24.24
CA SER A 64 13.95 9.66 25.44
C SER A 64 12.97 8.70 26.11
N GLU A 65 12.75 8.92 27.41
CA GLU A 65 11.91 8.05 28.21
C GLU A 65 10.49 8.60 28.30
N LEU A 66 9.52 7.69 28.40
CA LEU A 66 8.11 8.06 28.44
C LEU A 66 7.43 7.46 29.67
N ASP A 67 7.62 6.17 29.91
CA ASP A 67 7.07 5.46 31.06
C ASP A 67 8.22 4.88 31.88
N LYS A 68 7.88 4.02 32.84
CA LYS A 68 8.86 3.14 33.44
C LYS A 68 9.21 1.98 32.51
N ARG A 69 8.38 1.73 31.51
CA ARG A 69 8.57 0.62 30.59
C ARG A 69 8.47 1.00 29.12
N THR A 70 8.09 2.24 28.79
CA THR A 70 7.94 2.69 27.42
C THR A 70 8.98 3.76 27.11
N ASN A 71 9.52 3.73 25.90
CA ASN A 71 10.49 4.70 25.44
C ASN A 71 9.91 5.41 24.22
N GLU A 72 10.30 6.68 24.03
CA GLU A 72 9.91 7.46 22.86
C GLU A 72 11.16 7.80 22.07
N TYR A 73 11.20 7.35 20.83
CA TYR A 73 12.33 7.59 19.93
C TYR A 73 11.96 8.68 18.94
N ALA A 74 12.92 9.56 18.64
CA ALA A 74 12.70 10.65 17.71
C ALA A 74 14.02 10.97 17.01
N LEU A 75 13.94 11.82 16.00
CA LEU A 75 15.09 12.11 15.16
C LEU A 75 15.83 13.34 15.68
N THR A 76 17.11 13.16 16.02
CA THR A 76 17.99 14.31 16.14
C THR A 76 18.11 14.97 14.77
N ASN A 77 18.28 16.29 14.76
CA ASN A 77 18.38 17.00 13.49
C ASN A 77 19.52 16.44 12.64
N GLU A 78 20.58 15.92 13.27
CA GLU A 78 21.61 15.21 12.52
C GLU A 78 21.01 13.97 11.85
N GLY A 79 20.06 13.32 12.52
CA GLY A 79 19.32 12.24 11.87
C GLY A 79 18.31 12.73 10.87
N PHE A 80 17.73 13.91 11.12
CA PHE A 80 16.77 14.46 10.17
C PHE A 80 17.45 14.88 8.86
N ASP A 81 18.70 15.35 8.95
CA ASP A 81 19.57 15.67 7.82
C ASP A 81 19.88 14.44 6.99
N ALA A 82 19.93 13.29 7.64
CA ALA A 82 20.14 12.04 6.94
C ALA A 82 18.94 11.68 6.09
N VAL A 83 17.73 11.97 6.59
CA VAL A 83 16.51 11.71 5.82
C VAL A 83 16.46 12.62 4.60
N VAL A 84 16.68 13.92 4.81
CA VAL A 84 16.52 14.87 3.70
C VAL A 84 17.59 14.64 2.65
N ASP A 85 18.82 14.36 3.06
CA ASP A 85 19.92 14.36 2.09
C ASP A 85 19.71 13.26 1.04
N ASP A 86 19.56 12.01 1.48
CA ASP A 86 19.38 10.94 0.50
C ASP A 86 17.96 10.88 -0.05
N LEU A 87 17.07 11.75 0.44
CA LEU A 87 15.88 12.05 -0.33
C LEU A 87 16.20 13.01 -1.47
N GLU A 88 17.14 13.94 -1.26
CA GLU A 88 17.58 14.81 -2.36
C GLU A 88 18.30 13.99 -3.43
N TRP A 89 19.11 13.01 -3.01
CA TRP A 89 19.87 12.23 -3.98
C TRP A 89 18.96 11.42 -4.88
N THR A 90 17.85 10.90 -4.33
CA THR A 90 16.92 10.17 -5.19
C THR A 90 16.16 11.14 -6.10
N LEU A 91 15.67 12.25 -5.54
CA LEU A 91 15.03 13.24 -6.40
C LEU A 91 16.01 13.78 -7.44
N SER A 92 17.28 13.90 -7.07
CA SER A 92 18.29 14.29 -8.03
C SER A 92 18.31 13.34 -9.22
N LYS A 93 18.36 12.03 -8.95
CA LYS A 93 18.44 11.03 -10.00
C LYS A 93 17.09 10.64 -10.58
N PHE A 94 15.98 11.03 -9.96
CA PHE A 94 14.66 10.73 -10.50
C PHE A 94 14.16 11.82 -11.44
N VAL A 95 14.26 13.08 -11.01
CA VAL A 95 13.75 14.20 -11.80
C VAL A 95 14.77 14.54 -12.89
N ALA A 96 14.62 13.90 -14.05
CA ALA A 96 15.52 14.09 -15.18
C ALA A 96 14.77 14.45 -16.46
N ASP A 97 13.51 14.83 -16.35
CA ASP A 97 12.60 15.06 -17.47
C ASP A 97 11.50 16.01 -16.99
N ALA A 98 10.84 16.68 -17.94
CA ALA A 98 9.66 17.45 -17.57
C ALA A 98 8.65 16.55 -16.87
N ASP A 99 8.20 15.51 -17.57
CA ASP A 99 7.09 14.71 -17.07
C ASP A 99 7.41 14.04 -15.73
N ARG A 100 8.69 13.78 -15.45
CA ARG A 100 9.05 13.26 -14.14
C ARG A 100 8.76 14.28 -13.04
N ARG A 101 9.11 15.55 -13.28
CA ARG A 101 8.82 16.60 -12.32
C ARG A 101 7.32 16.77 -12.12
N GLU A 102 6.55 16.76 -13.21
CA GLU A 102 5.09 16.83 -13.09
C GLU A 102 4.56 15.65 -12.28
N ARG A 103 5.27 14.52 -12.28
CA ARG A 103 4.85 13.37 -11.49
C ARG A 103 5.20 13.54 -10.02
N VAL A 104 6.38 14.09 -9.72
CA VAL A 104 6.77 14.24 -8.32
C VAL A 104 5.86 15.21 -7.60
N GLU A 105 5.48 16.30 -8.28
CA GLU A 105 4.67 17.31 -7.61
C GLU A 105 3.20 16.91 -7.54
N THR A 106 2.69 16.17 -8.53
CA THR A 106 1.37 15.61 -8.37
C THR A 106 1.34 14.54 -7.29
N ILE A 107 2.48 13.91 -7.00
CA ILE A 107 2.56 13.03 -5.83
C ILE A 107 2.46 13.85 -4.55
N VAL A 108 3.23 14.93 -4.47
CA VAL A 108 3.30 15.70 -3.23
C VAL A 108 2.03 16.50 -3.01
N ALA A 109 1.32 16.85 -4.09
CA ALA A 109 0.05 17.56 -3.93
C ALA A 109 -1.00 16.67 -3.27
N ASP A 110 -1.01 15.39 -3.63
CA ASP A 110 -1.95 14.46 -2.99
C ASP A 110 -1.54 14.15 -1.57
N ASP A 111 -0.22 14.02 -1.31
CA ASP A 111 0.26 13.76 0.03
C ASP A 111 -0.20 14.84 1.01
N ALA A 112 -0.13 16.10 0.59
CA ALA A 112 -0.56 17.21 1.44
C ALA A 112 -2.07 17.39 1.46
N ALA A 113 -2.78 16.87 0.46
CA ALA A 113 -4.23 16.95 0.48
C ALA A 113 -4.84 16.02 1.52
N ALA A 114 -4.17 14.90 1.82
CA ALA A 114 -4.65 14.02 2.89
C ALA A 114 -4.26 14.54 4.26
N LEU A 115 -3.16 15.29 4.35
CA LEU A 115 -2.85 16.00 5.60
C LEU A 115 -4.05 16.81 6.05
N GLU A 116 -4.34 16.75 7.35
CA GLU A 116 -5.47 17.48 7.90
C GLU A 116 -5.44 17.46 9.42
N PRO B 1 3.36 -7.95 -12.98
CA PRO B 1 3.71 -8.14 -11.57
C PRO B 1 3.84 -6.80 -10.83
N ASP B 2 3.58 -6.82 -9.52
CA ASP B 2 3.69 -5.61 -8.71
C ASP B 2 5.08 -5.48 -8.11
N ALA B 3 5.63 -4.26 -8.18
CA ALA B 3 7.00 -4.02 -7.75
C ALA B 3 7.14 -3.94 -6.25
N ARG B 4 6.04 -3.71 -5.52
CA ARG B 4 6.11 -3.65 -4.06
C ARG B 4 6.30 -5.05 -3.47
N SER B 5 5.80 -6.08 -4.16
CA SER B 5 6.01 -7.45 -3.68
C SER B 5 7.49 -7.78 -3.60
N ASP B 6 8.29 -7.23 -4.50
CA ASP B 6 9.71 -7.53 -4.59
C ASP B 6 10.60 -6.39 -4.10
N ALA B 7 10.33 -5.16 -4.56
CA ALA B 7 11.25 -4.06 -4.32
C ALA B 7 11.35 -3.65 -2.85
N ARG B 8 10.44 -4.09 -2.00
CA ARG B 8 10.47 -3.67 -0.61
C ARG B 8 11.42 -4.48 0.26
N ASP B 9 12.00 -5.55 -0.28
CA ASP B 9 12.92 -6.40 0.47
C ASP B 9 14.36 -6.26 0.00
N LEU B 10 14.68 -5.25 -0.79
CA LEU B 10 15.98 -5.18 -1.42
C LEU B 10 17.00 -4.47 -0.53
N THR B 11 18.27 -4.72 -0.84
CA THR B 11 19.38 -4.10 -0.12
C THR B 11 19.41 -2.60 -0.40
N ALA B 12 19.97 -1.85 0.54
CA ALA B 12 20.28 -0.45 0.29
C ALA B 12 21.13 -0.34 -0.98
N PHE B 13 22.17 -1.17 -1.07
CA PHE B 13 22.98 -1.23 -2.27
C PHE B 13 22.12 -1.41 -3.51
N GLN B 14 21.22 -2.39 -3.48
CA GLN B 14 20.42 -2.71 -4.65
C GLN B 14 19.46 -1.57 -4.98
N LYS B 15 18.91 -0.91 -3.97
CA LYS B 15 18.00 0.20 -4.22
C LYS B 15 18.73 1.40 -4.83
N ASN B 16 20.00 1.58 -4.48
CA ASN B 16 20.79 2.66 -5.09
C ASN B 16 21.09 2.34 -6.54
N ILE B 17 21.38 1.08 -6.84
CA ILE B 17 21.53 0.68 -8.24
C ILE B 17 20.28 1.04 -9.02
N LEU B 18 19.11 0.87 -8.41
CA LEU B 18 17.86 1.15 -9.10
C LEU B 18 17.71 2.64 -9.37
N THR B 19 17.76 3.46 -8.32
CA THR B 19 17.61 4.90 -8.50
C THR B 19 18.55 5.42 -9.57
N VAL B 20 19.77 4.88 -9.61
CA VAL B 20 20.75 5.31 -10.60
C VAL B 20 20.22 5.09 -12.00
N LEU B 21 19.82 3.86 -12.31
CA LEU B 21 19.31 3.55 -13.64
C LEU B 21 17.98 4.23 -13.92
N GLY B 22 17.27 4.67 -12.88
CA GLY B 22 16.09 5.48 -13.09
C GLY B 22 16.39 6.82 -13.73
N GLU B 23 17.64 7.26 -13.64
CA GLU B 23 18.07 8.46 -14.36
C GLU B 23 18.27 8.18 -15.83
N GLU B 24 19.06 7.14 -16.15
CA GLU B 24 19.27 6.71 -17.52
C GLU B 24 19.95 5.35 -17.49
N ALA B 25 19.73 4.58 -18.55
CA ALA B 25 20.40 3.30 -18.69
C ALA B 25 21.90 3.50 -18.86
N ARG B 26 22.68 2.66 -18.18
CA ARG B 26 24.13 2.74 -18.26
C ARG B 26 24.71 1.33 -18.31
N TYR B 27 26.01 1.25 -18.54
CA TYR B 27 26.73 -0.01 -18.51
C TYR B 27 27.43 -0.20 -17.17
N GLY B 28 27.98 -1.39 -16.99
CA GLY B 28 28.53 -1.81 -15.70
C GLY B 28 29.28 -0.73 -14.95
N LEU B 29 30.50 -0.43 -15.39
CA LEU B 29 31.36 0.47 -14.63
C LEU B 29 30.83 1.91 -14.59
N ALA B 30 29.88 2.27 -15.45
CA ALA B 30 29.22 3.56 -15.31
C ALA B 30 28.40 3.61 -14.02
N ILE B 31 27.75 2.51 -13.68
CA ILE B 31 27.06 2.41 -12.39
C ILE B 31 28.07 2.46 -11.26
N LYS B 32 29.10 1.62 -11.34
CA LYS B 32 30.14 1.59 -10.31
C LYS B 32 30.63 2.99 -9.99
N ARG B 33 30.99 3.76 -11.02
CA ARG B 33 31.57 5.08 -10.79
C ARG B 33 30.55 6.01 -10.14
N GLU B 34 29.38 6.15 -10.76
CA GLU B 34 28.35 7.03 -10.23
C GLU B 34 27.77 6.55 -8.90
N LEU B 35 28.09 5.32 -8.48
CA LEU B 35 27.77 4.90 -7.12
C LEU B 35 28.88 5.33 -6.16
N GLU B 36 30.13 5.22 -6.60
CA GLU B 36 31.25 5.67 -5.77
C GLU B 36 31.08 7.15 -5.40
N GLU B 37 30.63 7.98 -6.36
CA GLU B 37 30.51 9.40 -6.07
C GLU B 37 29.37 9.67 -5.08
N TYR B 38 28.44 8.73 -4.94
CA TYR B 38 27.41 8.86 -3.93
C TYR B 38 27.89 8.37 -2.58
N TYR B 39 28.54 7.20 -2.53
CA TYR B 39 29.04 6.69 -1.25
C TYR B 39 30.28 7.47 -0.80
N GLY B 40 31.23 7.68 -1.71
CA GLY B 40 32.51 8.29 -1.38
C GLY B 40 33.64 7.31 -1.19
N GLU B 41 33.34 6.02 -1.09
CA GLU B 41 34.34 4.97 -0.94
C GLU B 41 34.52 4.27 -2.28
N GLU B 42 35.25 3.17 -2.28
CA GLU B 42 35.36 2.32 -3.47
C GLU B 42 34.23 1.30 -3.48
N VAL B 43 33.94 0.79 -4.68
CA VAL B 43 32.82 -0.13 -4.91
C VAL B 43 33.37 -1.29 -5.73
N ASN B 44 33.81 -2.35 -5.05
CA ASN B 44 34.43 -3.48 -5.73
C ASN B 44 33.43 -4.13 -6.68
N HIS B 45 33.81 -4.24 -7.96
CA HIS B 45 32.93 -4.87 -8.94
C HIS B 45 32.58 -6.30 -8.55
N GLY B 46 33.44 -6.96 -7.76
CA GLY B 46 33.10 -8.27 -7.22
C GLY B 46 31.84 -8.27 -6.38
N ARG B 47 31.40 -7.10 -5.95
CA ARG B 47 30.12 -6.91 -5.27
C ARG B 47 29.05 -6.40 -6.22
N LEU B 48 29.41 -5.49 -7.12
CA LEU B 48 28.46 -4.87 -8.04
C LEU B 48 27.82 -5.93 -8.94
N TYR B 49 28.57 -6.41 -9.93
CA TYR B 49 28.02 -7.30 -10.96
C TYR B 49 27.09 -8.39 -10.41
N PRO B 50 27.44 -9.10 -9.32
CA PRO B 50 26.48 -10.09 -8.81
C PRO B 50 25.18 -9.46 -8.34
N ASN B 51 25.23 -8.26 -7.73
CA ASN B 51 24.01 -7.62 -7.28
C ASN B 51 23.12 -7.21 -8.44
N LEU B 52 23.70 -6.99 -9.62
CA LEU B 52 22.88 -6.74 -10.80
C LEU B 52 22.28 -8.04 -11.32
N ASP B 53 23.04 -9.14 -11.28
CA ASP B 53 22.48 -10.42 -11.67
C ASP B 53 21.29 -10.79 -10.79
N ASP B 54 21.26 -10.31 -9.54
CA ASP B 54 20.10 -10.56 -8.70
C ASP B 54 18.90 -9.78 -9.21
N LEU B 55 19.09 -8.52 -9.58
CA LEU B 55 17.99 -7.67 -9.99
C LEU B 55 17.39 -8.08 -11.33
N VAL B 56 18.13 -8.79 -12.17
CA VAL B 56 17.63 -9.13 -13.49
C VAL B 56 16.72 -10.35 -13.44
N ASN B 57 16.93 -11.24 -12.48
CA ASN B 57 16.06 -12.40 -12.37
C ASN B 57 14.75 -12.08 -11.67
N LYS B 58 14.72 -11.01 -10.86
CA LYS B 58 13.48 -10.53 -10.29
C LYS B 58 12.71 -9.65 -11.27
N GLY B 59 13.25 -9.43 -12.47
CA GLY B 59 12.54 -8.72 -13.50
C GLY B 59 12.52 -7.22 -13.35
N LEU B 60 13.48 -6.65 -12.62
CA LEU B 60 13.53 -5.20 -12.42
C LEU B 60 14.64 -4.52 -13.20
N VAL B 61 15.65 -5.28 -13.65
CA VAL B 61 16.74 -4.75 -14.45
C VAL B 61 16.88 -5.59 -15.70
N GLU B 62 17.17 -4.94 -16.83
CA GLU B 62 17.33 -5.60 -18.11
C GLU B 62 18.81 -5.61 -18.51
N LYS B 63 19.27 -6.72 -19.05
CA LYS B 63 20.66 -6.92 -19.43
C LYS B 63 20.74 -7.17 -20.93
N SER B 64 21.39 -6.28 -21.65
CA SER B 64 21.52 -6.41 -23.10
C SER B 64 22.98 -6.27 -23.50
N GLU B 65 23.27 -6.70 -24.72
CA GLU B 65 24.62 -6.66 -25.27
C GLU B 65 24.78 -5.39 -26.10
N LEU B 66 25.64 -4.50 -25.64
CA LEU B 66 26.08 -3.39 -26.49
C LEU B 66 27.22 -3.85 -27.39
N ASP B 67 28.27 -4.42 -26.78
CA ASP B 67 29.22 -5.28 -27.46
C ASP B 67 29.51 -6.46 -26.53
N LYS B 68 30.27 -7.43 -27.02
CA LYS B 68 30.43 -8.69 -26.30
C LYS B 68 31.47 -8.61 -25.18
N ARG B 69 31.98 -7.41 -24.87
CA ARG B 69 32.69 -7.18 -23.63
C ARG B 69 31.98 -6.16 -22.74
N THR B 70 30.95 -5.50 -23.24
CA THR B 70 30.24 -4.44 -22.53
C THR B 70 28.74 -4.69 -22.63
N ASN B 71 28.08 -4.84 -21.48
CA ASN B 71 26.63 -4.90 -21.42
C ASN B 71 26.10 -3.57 -20.90
N GLU B 72 24.93 -3.18 -21.40
CA GLU B 72 24.24 -1.99 -20.92
C GLU B 72 23.04 -2.43 -20.08
N TYR B 73 22.95 -1.89 -18.86
CA TYR B 73 21.88 -2.22 -17.93
C TYR B 73 20.86 -1.09 -17.89
N ALA B 74 19.59 -1.45 -17.67
CA ALA B 74 18.51 -0.48 -17.66
C ALA B 74 17.34 -1.03 -16.86
N LEU B 75 16.59 -0.13 -16.24
CA LEU B 75 15.39 -0.54 -15.53
C LEU B 75 14.28 -0.88 -16.52
N THR B 76 13.54 -1.94 -16.22
CA THR B 76 12.36 -2.28 -16.99
C THR B 76 11.14 -1.64 -16.33
N ASN B 77 9.94 -2.06 -16.74
CA ASN B 77 8.73 -1.44 -16.23
C ASN B 77 8.54 -1.76 -14.75
N GLU B 78 8.66 -3.04 -14.38
CA GLU B 78 8.61 -3.38 -12.96
C GLU B 78 9.73 -2.69 -12.19
N GLY B 79 10.90 -2.53 -12.81
CA GLY B 79 11.98 -1.82 -12.16
C GLY B 79 11.64 -0.36 -11.94
N PHE B 80 11.05 0.29 -12.95
CA PHE B 80 10.69 1.70 -12.80
C PHE B 80 9.67 1.89 -11.70
N ASP B 81 8.64 1.04 -11.66
CA ASP B 81 7.64 1.14 -10.61
C ASP B 81 8.26 0.95 -9.23
N ALA B 82 9.31 0.13 -9.13
CA ALA B 82 9.99 -0.06 -7.85
C ALA B 82 10.64 1.22 -7.37
N VAL B 83 11.11 2.07 -8.28
CA VAL B 83 11.78 3.31 -7.90
C VAL B 83 10.75 4.33 -7.43
N VAL B 84 9.65 4.48 -8.15
CA VAL B 84 8.65 5.47 -7.78
C VAL B 84 7.87 5.03 -6.55
N ASP B 85 7.58 3.73 -6.44
CA ASP B 85 6.86 3.25 -5.27
C ASP B 85 7.65 3.51 -3.99
N ASP B 86 8.97 3.32 -4.05
CA ASP B 86 9.80 3.66 -2.89
C ASP B 86 9.88 5.16 -2.69
N LEU B 87 9.70 5.94 -3.75
CA LEU B 87 9.65 7.39 -3.61
C LEU B 87 8.33 7.84 -3.00
N GLU B 88 7.23 7.20 -3.38
CA GLU B 88 5.93 7.59 -2.83
C GLU B 88 5.85 7.31 -1.34
N TRP B 89 6.54 6.27 -0.86
CA TRP B 89 6.55 5.99 0.57
C TRP B 89 7.41 7.00 1.32
N THR B 90 8.63 7.26 0.84
CA THR B 90 9.50 8.21 1.50
C THR B 90 8.84 9.58 1.61
N LEU B 91 8.20 10.04 0.54
CA LEU B 91 7.62 11.37 0.53
C LEU B 91 6.50 11.49 1.56
N SER B 92 5.60 10.51 1.60
CA SER B 92 4.46 10.63 2.49
C SER B 92 4.88 10.56 3.96
N LYS B 93 5.98 9.88 4.26
CA LYS B 93 6.53 9.91 5.61
C LYS B 93 7.34 11.17 5.90
N PHE B 94 7.62 11.97 4.87
CA PHE B 94 8.33 13.24 5.02
C PHE B 94 7.42 14.45 4.88
N VAL B 95 6.43 14.39 4.00
CA VAL B 95 5.46 15.46 3.83
C VAL B 95 4.43 15.38 4.94
N ALA B 96 4.68 16.12 6.03
CA ALA B 96 3.80 16.13 7.19
C ALA B 96 3.29 17.53 7.54
N ASP B 97 3.72 18.55 6.80
CA ASP B 97 3.40 19.93 7.11
C ASP B 97 3.72 20.77 5.88
N ALA B 98 3.17 21.98 5.84
CA ALA B 98 3.52 22.89 4.75
C ALA B 98 5.02 23.15 4.74
N ASP B 99 5.65 23.17 5.92
CA ASP B 99 7.10 23.36 5.98
C ASP B 99 7.83 22.24 5.26
N ARG B 100 7.52 20.98 5.61
CA ARG B 100 8.17 19.86 4.95
C ARG B 100 7.88 19.84 3.47
N ARG B 101 6.62 20.07 3.09
CA ARG B 101 6.24 19.96 1.68
C ARG B 101 7.02 20.95 0.84
N GLU B 102 7.06 22.22 1.25
CA GLU B 102 7.73 23.24 0.45
C GLU B 102 9.18 22.84 0.21
N ARG B 103 9.90 22.46 1.26
CA ARG B 103 11.28 22.03 1.11
C ARG B 103 11.44 21.06 -0.05
N VAL B 104 10.43 20.20 -0.27
CA VAL B 104 10.42 19.35 -1.45
C VAL B 104 10.21 20.17 -2.71
N GLU B 105 9.19 21.05 -2.68
CA GLU B 105 8.85 21.82 -3.86
C GLU B 105 10.03 22.60 -4.42
N THR B 106 10.93 23.05 -3.55
CA THR B 106 12.12 23.76 -3.98
C THR B 106 13.29 22.83 -4.26
N ILE B 107 13.27 21.61 -3.73
CA ILE B 107 14.30 20.65 -4.06
C ILE B 107 14.20 20.23 -5.52
N VAL B 108 12.97 20.00 -6.00
CA VAL B 108 12.78 19.59 -7.38
C VAL B 108 12.87 20.80 -8.31
N ALA B 109 12.36 21.96 -7.88
CA ALA B 109 12.51 23.16 -8.69
C ALA B 109 13.97 23.45 -8.99
N ASP B 110 14.87 23.13 -8.06
CA ASP B 110 16.29 23.33 -8.28
C ASP B 110 16.84 22.30 -9.25
N ASP B 111 16.49 21.03 -9.04
CA ASP B 111 16.98 19.97 -9.91
C ASP B 111 16.41 20.09 -11.32
N ALA B 112 15.25 20.73 -11.48
CA ALA B 112 14.70 20.95 -12.82
C ALA B 112 15.35 22.14 -13.52
N ALA B 113 15.82 23.11 -12.74
CA ALA B 113 16.60 24.20 -13.33
C ALA B 113 18.01 23.74 -13.70
N ALA B 114 18.50 22.67 -13.09
CA ALA B 114 19.83 22.14 -13.38
C ALA B 114 19.86 21.26 -14.62
N LEU B 115 18.77 21.20 -15.38
CA LEU B 115 18.72 20.44 -16.63
C LEU B 115 18.94 21.32 -17.84
N GLU B 116 19.54 22.50 -17.66
CA GLU B 116 19.76 23.44 -18.75
C GLU B 116 21.24 23.81 -18.88
N ASP C 6 -12.44 10.95 2.33
CA ASP C 6 -11.73 9.83 2.95
C ASP C 6 -11.84 8.58 2.06
N ALA C 7 -10.85 7.70 2.18
CA ALA C 7 -10.84 6.47 1.37
C ALA C 7 -12.03 5.58 1.69
N ARG C 8 -12.40 5.50 2.97
CA ARG C 8 -13.47 4.61 3.42
C ARG C 8 -14.85 5.08 3.01
N ASP C 9 -14.97 6.12 2.17
CA ASP C 9 -16.25 6.67 1.77
C ASP C 9 -16.61 6.40 0.32
N LEU C 10 -15.80 5.62 -0.40
CA LEU C 10 -15.98 5.46 -1.83
C LEU C 10 -17.10 4.48 -2.14
N THR C 11 -17.66 4.61 -3.35
CA THR C 11 -18.70 3.71 -3.81
C THR C 11 -18.22 2.27 -3.72
N ALA C 12 -19.18 1.33 -3.83
CA ALA C 12 -18.79 -0.05 -4.05
C ALA C 12 -18.17 -0.22 -5.43
N PHE C 13 -18.70 0.51 -6.41
CA PHE C 13 -18.13 0.51 -7.75
C PHE C 13 -16.66 0.86 -7.70
N GLN C 14 -16.32 1.98 -7.06
CA GLN C 14 -14.93 2.41 -6.99
C GLN C 14 -14.11 1.45 -6.12
N LYS C 15 -14.71 0.87 -5.09
CA LYS C 15 -14.01 -0.16 -4.34
C LYS C 15 -13.81 -1.42 -5.17
N ASN C 16 -14.63 -1.61 -6.21
CA ASN C 16 -14.40 -2.72 -7.13
C ASN C 16 -13.38 -2.34 -8.20
N ILE C 17 -13.23 -1.06 -8.52
CA ILE C 17 -12.19 -0.63 -9.44
C ILE C 17 -10.82 -0.77 -8.80
N LEU C 18 -10.71 -0.42 -7.53
CA LEU C 18 -9.41 -0.51 -6.84
C LEU C 18 -8.96 -1.95 -6.71
N THR C 19 -9.83 -2.82 -6.20
CA THR C 19 -9.44 -4.22 -6.05
C THR C 19 -9.07 -4.84 -7.37
N VAL C 20 -9.68 -4.39 -8.48
CA VAL C 20 -9.30 -4.87 -9.80
C VAL C 20 -7.85 -4.52 -10.09
N LEU C 21 -7.51 -3.24 -10.00
CA LEU C 21 -6.13 -2.79 -10.17
C LEU C 21 -5.19 -3.46 -9.17
N GLY C 22 -5.72 -3.99 -8.06
CA GLY C 22 -4.90 -4.72 -7.11
C GLY C 22 -4.29 -5.97 -7.67
N GLU C 23 -4.89 -6.54 -8.72
CA GLU C 23 -4.29 -7.67 -9.41
C GLU C 23 -3.14 -7.20 -10.29
N GLU C 24 -3.44 -6.41 -11.31
CA GLU C 24 -2.43 -5.84 -12.19
C GLU C 24 -2.94 -4.53 -12.76
N ALA C 25 -2.03 -3.59 -12.96
CA ALA C 25 -2.38 -2.32 -13.58
C ALA C 25 -2.59 -2.53 -15.07
N ARG C 26 -3.67 -1.95 -15.60
CA ARG C 26 -4.05 -2.18 -16.98
C ARG C 26 -4.80 -0.95 -17.51
N TYR C 27 -5.19 -1.03 -18.77
CA TYR C 27 -5.79 0.10 -19.46
C TYR C 27 -7.32 0.08 -19.31
N GLY C 28 -7.95 1.13 -19.82
CA GLY C 28 -9.36 1.39 -19.60
C GLY C 28 -10.28 0.22 -19.84
N LEU C 29 -10.56 -0.09 -21.12
CA LEU C 29 -11.53 -1.13 -21.43
C LEU C 29 -11.16 -2.47 -20.83
N ALA C 30 -9.91 -2.67 -20.41
CA ALA C 30 -9.53 -3.92 -19.78
C ALA C 30 -10.23 -4.13 -18.45
N ILE C 31 -10.32 -3.08 -17.63
CA ILE C 31 -11.03 -3.22 -16.36
C ILE C 31 -12.53 -3.21 -16.60
N LYS C 32 -13.01 -2.46 -17.61
CA LYS C 32 -14.42 -2.53 -17.97
C LYS C 32 -14.84 -3.97 -18.15
N ARG C 33 -14.09 -4.73 -18.96
CA ARG C 33 -14.50 -6.10 -19.28
C ARG C 33 -14.49 -6.98 -18.04
N GLU C 34 -13.50 -6.80 -17.16
CA GLU C 34 -13.43 -7.66 -15.98
C GLU C 34 -14.52 -7.31 -14.98
N LEU C 35 -14.77 -6.02 -14.76
CA LEU C 35 -15.89 -5.63 -13.93
C LEU C 35 -17.19 -6.21 -14.47
N GLU C 36 -17.36 -6.20 -15.79
CA GLU C 36 -18.51 -6.87 -16.40
C GLU C 36 -18.57 -8.33 -15.98
N GLU C 37 -17.41 -8.96 -15.79
CA GLU C 37 -17.39 -10.37 -15.40
C GLU C 37 -17.78 -10.58 -13.95
N TYR C 38 -17.67 -9.54 -13.12
CA TYR C 38 -18.10 -9.66 -11.73
C TYR C 38 -19.60 -9.41 -11.59
N TYR C 39 -20.09 -8.31 -12.16
CA TYR C 39 -21.50 -7.97 -12.03
C TYR C 39 -22.39 -8.86 -12.89
N GLY C 40 -21.83 -9.57 -13.86
CA GLY C 40 -22.57 -10.52 -14.65
C GLY C 40 -23.05 -10.01 -15.99
N GLU C 41 -22.91 -8.72 -16.27
CA GLU C 41 -23.11 -8.21 -17.63
C GLU C 41 -22.63 -6.77 -17.68
N GLU C 42 -23.03 -6.06 -18.73
CA GLU C 42 -22.27 -4.94 -19.26
C GLU C 42 -22.18 -3.78 -18.28
N VAL C 43 -21.20 -2.91 -18.53
CA VAL C 43 -20.91 -1.74 -17.72
C VAL C 43 -20.69 -0.56 -18.66
N ASN C 44 -21.36 0.56 -18.39
CA ASN C 44 -21.27 1.72 -19.27
C ASN C 44 -19.93 2.43 -19.10
N HIS C 45 -19.25 2.66 -20.23
CA HIS C 45 -17.98 3.39 -20.19
C HIS C 45 -18.19 4.85 -19.81
N GLY C 46 -19.40 5.39 -20.03
CA GLY C 46 -19.72 6.71 -19.51
C GLY C 46 -19.88 6.75 -18.02
N ARG C 47 -19.98 5.59 -17.38
CA ARG C 47 -19.92 5.48 -15.93
C ARG C 47 -18.50 5.20 -15.45
N LEU C 48 -17.78 4.35 -16.16
CA LEU C 48 -16.44 3.95 -15.74
C LEU C 48 -15.47 5.13 -15.74
N TYR C 49 -15.10 5.59 -16.93
CA TYR C 49 -14.08 6.63 -17.08
C TYR C 49 -14.21 7.77 -16.09
N PRO C 50 -15.35 8.43 -15.92
CA PRO C 50 -15.42 9.53 -14.96
C PRO C 50 -15.21 9.12 -13.53
N ASN C 51 -15.38 7.83 -13.20
CA ASN C 51 -15.15 7.36 -11.84
C ASN C 51 -13.69 7.01 -11.59
N LEU C 52 -12.92 6.70 -12.64
CA LEU C 52 -11.49 6.53 -12.45
C LEU C 52 -10.81 7.86 -12.21
N ASP C 53 -11.21 8.89 -12.95
CA ASP C 53 -10.68 10.22 -12.71
C ASP C 53 -10.98 10.71 -11.30
N ASP C 54 -12.11 10.26 -10.73
N ASP C 54 -12.10 10.25 -10.73
CA ASP C 54 -12.39 10.59 -9.33
CA ASP C 54 -12.40 10.58 -9.34
C ASP C 54 -11.32 10.03 -8.41
C ASP C 54 -11.33 10.02 -8.41
N LEU C 55 -10.86 8.80 -8.69
CA LEU C 55 -9.81 8.20 -7.88
C LEU C 55 -8.45 8.83 -8.12
N VAL C 56 -8.27 9.54 -9.24
CA VAL C 56 -6.98 10.15 -9.55
C VAL C 56 -6.76 11.38 -8.68
N ASN C 57 -7.75 12.27 -8.61
CA ASN C 57 -7.63 13.44 -7.75
C ASN C 57 -7.58 13.05 -6.28
N LYS C 58 -8.22 11.95 -5.92
CA LYS C 58 -8.18 11.45 -4.55
C LYS C 58 -6.85 10.79 -4.20
N GLY C 59 -5.89 10.81 -5.11
CA GLY C 59 -4.57 10.29 -4.84
C GLY C 59 -4.44 8.79 -4.93
N LEU C 60 -5.50 8.08 -5.33
CA LEU C 60 -5.50 6.63 -5.28
C LEU C 60 -4.96 5.98 -6.54
N VAL C 61 -5.09 6.64 -7.69
CA VAL C 61 -4.79 6.02 -8.98
C VAL C 61 -3.83 6.90 -9.77
N GLU C 62 -2.94 6.26 -10.53
CA GLU C 62 -1.99 6.93 -11.40
C GLU C 62 -2.45 6.74 -12.85
N LYS C 63 -2.45 7.83 -13.62
CA LYS C 63 -2.95 7.83 -14.99
C LYS C 63 -1.81 8.22 -15.91
N SER C 64 -1.31 7.25 -16.69
CA SER C 64 -0.19 7.45 -17.59
C SER C 64 -0.61 7.02 -18.98
N GLU C 65 -0.29 7.84 -19.98
CA GLU C 65 -0.71 7.56 -21.36
C GLU C 65 0.21 6.50 -21.94
N LEU C 66 -0.34 5.30 -22.16
CA LEU C 66 0.40 4.21 -22.78
C LEU C 66 0.57 4.47 -24.28
N ASP C 67 -0.54 4.62 -24.98
CA ASP C 67 -0.58 5.21 -26.31
C ASP C 67 -1.18 6.60 -26.22
N LYS C 68 -1.15 7.32 -27.33
CA LYS C 68 -1.87 8.58 -27.38
C LYS C 68 -3.37 8.38 -27.60
N ARG C 69 -3.83 7.12 -27.55
CA ARG C 69 -5.25 6.81 -27.49
C ARG C 69 -5.61 5.89 -26.33
N THR C 70 -4.64 5.33 -25.62
CA THR C 70 -4.87 4.35 -24.58
C THR C 70 -4.10 4.76 -23.33
N ASN C 71 -4.75 4.71 -22.17
CA ASN C 71 -4.16 5.10 -20.91
C ASN C 71 -4.04 3.89 -19.99
N GLU C 72 -3.00 3.91 -19.15
CA GLU C 72 -2.75 2.85 -18.19
C GLU C 72 -3.04 3.36 -16.78
N TYR C 73 -3.89 2.63 -16.06
CA TYR C 73 -4.31 2.99 -14.72
C TYR C 73 -3.66 2.04 -13.71
N ALA C 74 -3.07 2.61 -12.65
CA ALA C 74 -2.35 1.83 -11.67
C ALA C 74 -2.53 2.43 -10.28
N LEU C 75 -2.68 1.57 -9.28
CA LEU C 75 -2.78 2.04 -7.90
C LEU C 75 -1.50 2.74 -7.50
N THR C 76 -1.64 3.84 -6.74
CA THR C 76 -0.52 4.46 -6.07
C THR C 76 -0.46 3.96 -4.62
N ASN C 77 0.66 4.26 -3.96
CA ASN C 77 0.81 3.85 -2.56
C ASN C 77 -0.43 4.21 -1.75
N GLU C 78 -1.00 5.39 -1.99
CA GLU C 78 -2.22 5.77 -1.27
C GLU C 78 -3.35 4.81 -1.59
N GLY C 79 -3.60 4.55 -2.87
CA GLY C 79 -4.63 3.61 -3.26
C GLY C 79 -4.33 2.17 -2.88
N PHE C 80 -3.05 1.83 -2.73
CA PHE C 80 -2.69 0.48 -2.32
C PHE C 80 -3.00 0.26 -0.85
N ASP C 81 -2.55 1.18 0.00
CA ASP C 81 -2.89 1.10 1.41
C ASP C 81 -4.39 1.08 1.65
N ALA C 82 -5.17 1.62 0.71
CA ALA C 82 -6.63 1.62 0.86
C ALA C 82 -7.17 0.20 0.85
N VAL C 83 -7.00 -0.52 -0.25
CA VAL C 83 -7.56 -1.85 -0.38
C VAL C 83 -6.96 -2.83 0.61
N VAL C 84 -5.84 -2.48 1.24
CA VAL C 84 -5.33 -3.31 2.32
C VAL C 84 -6.10 -3.03 3.61
N ASP C 85 -6.11 -1.78 4.05
CA ASP C 85 -6.83 -1.42 5.27
C ASP C 85 -8.25 -1.96 5.24
N ASP C 86 -8.95 -1.77 4.12
CA ASP C 86 -10.32 -2.24 3.99
C ASP C 86 -10.38 -3.77 4.03
N LEU C 87 -9.36 -4.43 3.47
CA LEU C 87 -9.26 -5.87 3.63
C LEU C 87 -9.07 -6.24 5.09
N GLU C 88 -8.24 -5.47 5.80
CA GLU C 88 -7.98 -5.78 7.20
C GLU C 88 -9.24 -5.63 8.04
N TRP C 89 -10.09 -4.66 7.71
CA TRP C 89 -11.32 -4.47 8.47
C TRP C 89 -12.35 -5.53 8.13
N THR C 90 -12.44 -5.94 6.86
CA THR C 90 -13.40 -6.96 6.49
C THR C 90 -13.05 -8.29 7.17
N LEU C 91 -11.77 -8.59 7.29
CA LEU C 91 -11.36 -9.80 8.01
C LEU C 91 -11.45 -9.61 9.52
N SER C 92 -11.28 -8.37 10.01
CA SER C 92 -11.52 -8.09 11.41
C SER C 92 -12.83 -8.69 11.88
N LYS C 93 -13.92 -8.38 11.15
CA LYS C 93 -15.25 -8.82 11.53
C LYS C 93 -15.56 -10.25 11.12
N PHE C 94 -14.87 -10.79 10.11
CA PHE C 94 -15.24 -12.09 9.60
C PHE C 94 -14.77 -13.22 10.50
N VAL C 95 -13.46 -13.33 10.72
CA VAL C 95 -12.94 -14.42 11.53
C VAL C 95 -12.97 -13.94 12.99
N ALA C 96 -13.94 -14.47 13.73
CA ALA C 96 -13.98 -14.37 15.19
C ALA C 96 -13.80 -15.72 15.85
N ASP C 97 -13.74 -16.80 15.08
CA ASP C 97 -13.57 -18.16 15.56
C ASP C 97 -12.34 -18.79 14.92
N ALA C 98 -11.90 -19.91 15.46
CA ALA C 98 -10.91 -20.70 14.76
C ALA C 98 -11.53 -21.46 13.59
N ASP C 99 -12.82 -21.76 13.69
CA ASP C 99 -13.53 -22.38 12.57
C ASP C 99 -13.81 -21.38 11.45
N ARG C 100 -13.63 -20.09 11.70
CA ARG C 100 -13.66 -19.09 10.64
C ARG C 100 -12.26 -18.75 10.13
N ARG C 101 -11.26 -18.70 11.02
CA ARG C 101 -9.90 -18.56 10.55
C ARG C 101 -9.55 -19.64 9.56
N GLU C 102 -9.74 -20.90 9.95
CA GLU C 102 -9.41 -22.00 9.07
C GLU C 102 -10.20 -21.97 7.77
N ARG C 103 -11.36 -21.30 7.74
CA ARG C 103 -12.11 -21.21 6.50
C ARG C 103 -11.37 -20.37 5.47
N VAL C 104 -10.93 -19.17 5.86
CA VAL C 104 -10.23 -18.33 4.90
C VAL C 104 -8.82 -18.84 4.66
N GLU C 105 -8.22 -19.51 5.65
CA GLU C 105 -6.87 -20.04 5.46
C GLU C 105 -6.82 -20.96 4.23
N THR C 106 -7.89 -21.72 3.99
CA THR C 106 -7.96 -22.55 2.79
C THR C 106 -8.18 -21.70 1.55
N ILE C 107 -9.04 -20.69 1.65
CA ILE C 107 -9.37 -19.89 0.48
C ILE C 107 -8.11 -19.26 -0.12
N VAL C 108 -7.19 -18.81 0.73
CA VAL C 108 -5.95 -18.23 0.23
C VAL C 108 -4.99 -19.32 -0.20
N ALA C 109 -4.93 -20.43 0.54
CA ALA C 109 -4.13 -21.56 0.10
C ALA C 109 -4.56 -22.04 -1.28
N ASP C 110 -5.87 -22.12 -1.51
CA ASP C 110 -6.38 -22.45 -2.84
C ASP C 110 -5.95 -21.39 -3.85
N ASP C 111 -6.24 -20.12 -3.55
CA ASP C 111 -5.92 -19.05 -4.48
C ASP C 111 -4.44 -19.05 -4.85
N ALA C 112 -3.57 -19.52 -3.95
CA ALA C 112 -2.14 -19.51 -4.23
C ALA C 112 -1.76 -20.62 -5.20
N ALA C 113 -2.22 -21.85 -4.95
CA ALA C 113 -1.88 -22.96 -5.84
C ALA C 113 -2.42 -22.72 -7.24
N ALA C 114 -3.50 -21.96 -7.37
CA ALA C 114 -4.07 -21.67 -8.68
C ALA C 114 -3.21 -20.71 -9.50
N LEU C 115 -2.07 -20.27 -8.96
CA LEU C 115 -1.15 -19.42 -9.71
C LEU C 115 -0.20 -20.21 -10.61
N GLU C 116 -0.65 -21.39 -11.08
CA GLU C 116 0.08 -22.15 -12.07
C GLU C 116 -0.93 -22.79 -13.02
N HIS C 117 -1.43 -23.98 -12.67
CA HIS C 117 -2.47 -24.64 -13.44
C HIS C 117 -3.42 -25.41 -12.53
N ARG D 4 -25.26 -15.59 -6.17
CA ARG D 4 -24.60 -14.41 -5.62
C ARG D 4 -24.97 -13.16 -6.43
N SER D 5 -25.88 -13.32 -7.39
CA SER D 5 -26.12 -12.28 -8.39
C SER D 5 -27.01 -11.14 -7.89
N ASP D 6 -27.24 -11.06 -6.58
CA ASP D 6 -27.69 -9.82 -5.97
C ASP D 6 -26.76 -9.35 -4.88
N ALA D 7 -25.80 -10.18 -4.45
CA ALA D 7 -24.67 -9.70 -3.67
C ALA D 7 -23.75 -8.80 -4.49
N ARG D 8 -23.96 -8.71 -5.80
CA ARG D 8 -23.21 -7.80 -6.64
C ARG D 8 -23.75 -6.38 -6.54
N ASP D 9 -25.07 -6.24 -6.48
CA ASP D 9 -25.73 -4.95 -6.58
C ASP D 9 -25.75 -4.17 -5.27
N LEU D 10 -25.36 -4.79 -4.15
CA LEU D 10 -25.42 -4.10 -2.88
C LEU D 10 -24.55 -2.85 -2.90
N THR D 11 -24.87 -1.91 -2.01
CA THR D 11 -24.12 -0.68 -1.87
C THR D 11 -23.11 -0.81 -0.74
N ALA D 12 -22.06 0.00 -0.82
CA ALA D 12 -20.99 -0.05 0.18
C ALA D 12 -21.56 -0.04 1.60
N PHE D 13 -22.51 0.86 1.85
CA PHE D 13 -23.12 0.92 3.17
C PHE D 13 -23.72 -0.42 3.57
N GLN D 14 -24.65 -0.93 2.76
CA GLN D 14 -25.25 -2.23 3.06
C GLN D 14 -24.19 -3.32 3.17
N LYS D 15 -23.08 -3.16 2.45
CA LYS D 15 -21.99 -4.14 2.55
C LYS D 15 -21.36 -4.13 3.94
N ASN D 16 -21.05 -2.94 4.45
CA ASN D 16 -20.45 -2.86 5.78
C ASN D 16 -21.37 -3.45 6.83
N ILE D 17 -22.68 -3.26 6.67
CA ILE D 17 -23.63 -3.83 7.63
C ILE D 17 -23.44 -5.34 7.73
N LEU D 18 -23.50 -6.04 6.59
CA LEU D 18 -23.28 -7.48 6.60
C LEU D 18 -21.92 -7.82 7.21
N THR D 19 -20.93 -6.96 7.02
CA THR D 19 -19.60 -7.22 7.55
C THR D 19 -19.60 -7.17 9.07
N VAL D 20 -20.33 -6.23 9.66
CA VAL D 20 -20.23 -6.01 11.10
C VAL D 20 -21.03 -7.06 11.88
N LEU D 21 -22.22 -7.43 11.41
CA LEU D 21 -22.96 -8.47 12.10
C LEU D 21 -22.47 -9.87 11.75
N GLY D 22 -21.67 -10.01 10.69
CA GLY D 22 -20.94 -11.26 10.49
C GLY D 22 -20.01 -11.58 11.62
N GLU D 23 -19.62 -10.57 12.40
CA GLU D 23 -18.86 -10.81 13.63
C GLU D 23 -19.77 -11.23 14.77
N GLU D 24 -20.99 -10.71 14.81
CA GLU D 24 -21.89 -10.96 15.93
C GLU D 24 -23.24 -10.29 15.69
N ALA D 25 -24.33 -11.06 15.81
CA ALA D 25 -25.66 -10.48 15.74
C ALA D 25 -25.80 -9.36 16.76
N ARG D 26 -26.48 -8.29 16.36
CA ARG D 26 -26.56 -7.10 17.20
C ARG D 26 -27.89 -6.39 16.95
N TYR D 27 -28.16 -5.39 17.78
CA TYR D 27 -29.38 -4.59 17.66
C TYR D 27 -29.07 -3.25 17.00
N GLY D 28 -30.14 -2.52 16.68
CA GLY D 28 -30.05 -1.32 15.88
C GLY D 28 -28.90 -0.40 16.18
N LEU D 29 -28.88 0.18 17.38
CA LEU D 29 -27.86 1.18 17.70
C LEU D 29 -26.49 0.56 17.95
N ALA D 30 -26.40 -0.74 18.17
CA ALA D 30 -25.09 -1.37 18.27
C ALA D 30 -24.40 -1.39 16.91
N ILE D 31 -25.16 -1.66 15.85
CA ILE D 31 -24.63 -1.53 14.50
C ILE D 31 -24.21 -0.09 14.24
N LYS D 32 -25.13 0.85 14.49
CA LYS D 32 -24.82 2.27 14.31
C LYS D 32 -23.52 2.66 14.99
N ARG D 33 -23.28 2.11 16.19
CA ARG D 33 -22.10 2.53 16.96
C ARG D 33 -20.82 1.99 16.34
N GLU D 34 -20.85 0.76 15.83
CA GLU D 34 -19.64 0.19 15.25
C GLU D 34 -19.41 0.70 13.83
N LEU D 35 -20.47 0.89 13.06
CA LEU D 35 -20.33 1.52 11.75
C LEU D 35 -19.74 2.92 11.89
N GLU D 36 -20.30 3.72 12.81
CA GLU D 36 -19.76 5.05 13.03
C GLU D 36 -18.30 5.02 13.46
N GLU D 37 -17.84 3.91 14.03
CA GLU D 37 -16.43 3.77 14.34
C GLU D 37 -15.62 3.56 13.08
N TYR D 38 -16.09 2.67 12.20
CA TYR D 38 -15.39 2.44 10.94
C TYR D 38 -15.30 3.72 10.12
N TYR D 39 -16.43 4.37 9.88
CA TYR D 39 -16.44 5.58 9.07
C TYR D 39 -15.64 6.70 9.73
N GLY D 40 -15.66 6.77 11.06
CA GLY D 40 -15.05 7.87 11.78
C GLY D 40 -15.95 9.06 12.03
N GLU D 41 -17.23 8.95 11.68
CA GLU D 41 -18.17 10.04 11.88
C GLU D 41 -19.56 9.45 12.08
N GLU D 42 -20.44 10.25 12.67
CA GLU D 42 -21.81 9.83 12.87
C GLU D 42 -22.45 9.41 11.55
N VAL D 43 -23.41 8.49 11.65
CA VAL D 43 -24.32 8.18 10.56
C VAL D 43 -25.72 8.05 11.16
N ASN D 44 -26.68 8.74 10.55
CA ASN D 44 -27.97 8.96 11.18
C ASN D 44 -28.88 7.74 11.05
N HIS D 45 -29.65 7.48 12.11
CA HIS D 45 -30.58 6.37 12.08
C HIS D 45 -31.56 6.48 10.92
N GLY D 46 -31.87 7.70 10.48
CA GLY D 46 -32.69 7.89 9.30
C GLY D 46 -32.11 7.23 8.06
N ARG D 47 -30.82 6.92 8.06
CA ARG D 47 -30.18 6.17 6.98
C ARG D 47 -30.01 4.69 7.31
N LEU D 48 -29.86 4.35 8.60
CA LEU D 48 -29.60 2.97 8.98
C LEU D 48 -30.82 2.10 8.78
N TYR D 49 -31.85 2.31 9.60
CA TYR D 49 -33.02 1.44 9.58
C TYR D 49 -33.62 1.25 8.19
N PRO D 50 -33.82 2.29 7.38
CA PRO D 50 -34.36 2.03 6.03
C PRO D 50 -33.50 1.07 5.22
N ASN D 51 -32.17 1.12 5.37
CA ASN D 51 -31.30 0.20 4.66
C ASN D 51 -31.25 -1.18 5.31
N LEU D 52 -31.60 -1.28 6.60
CA LEU D 52 -31.51 -2.56 7.28
C LEU D 52 -32.61 -3.51 6.83
N ASP D 53 -33.86 -3.03 6.82
CA ASP D 53 -34.96 -3.89 6.39
C ASP D 53 -34.98 -4.10 4.88
N ASP D 54 -34.23 -3.31 4.11
CA ASP D 54 -34.01 -3.66 2.71
C ASP D 54 -33.24 -4.97 2.62
N LEU D 55 -32.16 -5.08 3.40
CA LEU D 55 -31.42 -6.35 3.48
C LEU D 55 -32.35 -7.49 3.87
N VAL D 56 -33.35 -7.20 4.71
CA VAL D 56 -34.30 -8.24 5.10
C VAL D 56 -35.23 -8.56 3.94
N ASN D 57 -35.77 -7.51 3.29
CA ASN D 57 -36.74 -7.73 2.22
C ASN D 57 -36.11 -8.43 1.02
N LYS D 58 -34.79 -8.46 0.92
CA LYS D 58 -34.11 -9.27 -0.08
C LYS D 58 -33.53 -10.56 0.51
N GLY D 59 -33.81 -10.85 1.78
CA GLY D 59 -33.57 -12.15 2.35
C GLY D 59 -32.19 -12.39 2.92
N LEU D 60 -31.41 -11.34 3.16
CA LEU D 60 -30.02 -11.53 3.59
C LEU D 60 -29.83 -11.42 5.10
N VAL D 61 -30.59 -10.59 5.79
CA VAL D 61 -30.59 -10.58 7.24
C VAL D 61 -32.02 -10.66 7.72
N GLU D 62 -32.21 -11.23 8.89
CA GLU D 62 -33.52 -11.63 9.37
C GLU D 62 -34.07 -10.64 10.39
N LYS D 63 -35.36 -10.35 10.27
CA LYS D 63 -36.05 -9.49 11.23
C LYS D 63 -36.55 -10.33 12.40
N SER D 64 -36.21 -9.91 13.62
CA SER D 64 -36.71 -10.57 14.81
C SER D 64 -36.60 -9.61 15.98
N GLU D 65 -37.19 -10.02 17.11
CA GLU D 65 -37.40 -9.14 18.25
C GLU D 65 -36.35 -9.38 19.33
N LEU D 66 -36.39 -8.52 20.33
CA LEU D 66 -35.64 -8.70 21.58
C LEU D 66 -36.54 -8.27 22.73
N ASP D 67 -37.00 -7.02 22.68
CA ASP D 67 -38.15 -6.54 23.43
C ASP D 67 -39.04 -5.77 22.47
N LYS D 68 -40.13 -5.21 22.97
CA LYS D 68 -41.06 -4.49 22.09
C LYS D 68 -40.63 -3.05 21.82
N ARG D 69 -39.37 -2.70 22.11
CA ARG D 69 -38.79 -1.45 21.61
C ARG D 69 -37.43 -1.65 20.96
N THR D 70 -36.84 -2.84 21.05
CA THR D 70 -35.51 -3.19 20.57
C THR D 70 -35.62 -4.35 19.59
N ASN D 71 -34.93 -4.27 18.45
CA ASN D 71 -34.93 -5.35 17.47
C ASN D 71 -33.56 -6.02 17.41
N GLU D 72 -33.55 -7.31 17.14
CA GLU D 72 -32.33 -8.10 17.01
C GLU D 72 -32.10 -8.43 15.54
N TYR D 73 -30.90 -8.13 15.05
CA TYR D 73 -30.54 -8.31 13.66
C TYR D 73 -29.45 -9.36 13.54
N ALA D 74 -29.65 -10.32 12.63
CA ALA D 74 -28.68 -11.39 12.42
C ALA D 74 -28.80 -11.92 11.01
N LEU D 75 -27.67 -12.15 10.36
CA LEU D 75 -27.86 -12.46 8.97
C LEU D 75 -28.36 -13.87 8.77
N THR D 76 -29.09 -13.97 7.66
CA THR D 76 -29.58 -15.25 7.18
C THR D 76 -28.41 -16.02 6.58
N ASN D 77 -28.68 -17.23 6.09
CA ASN D 77 -27.62 -17.99 5.44
C ASN D 77 -27.41 -17.52 4.00
N GLU D 78 -28.47 -17.11 3.31
CA GLU D 78 -28.28 -16.42 2.03
C GLU D 78 -27.50 -15.12 2.24
N GLY D 79 -27.68 -14.49 3.40
CA GLY D 79 -26.86 -13.33 3.72
C GLY D 79 -25.41 -13.68 3.97
N PHE D 80 -25.17 -14.73 4.77
CA PHE D 80 -23.81 -15.13 5.08
C PHE D 80 -23.04 -15.47 3.81
N ASP D 81 -23.69 -16.14 2.87
CA ASP D 81 -23.00 -16.54 1.64
C ASP D 81 -22.56 -15.34 0.84
N ALA D 82 -23.31 -14.24 0.87
CA ALA D 82 -22.84 -13.01 0.27
C ALA D 82 -21.61 -12.48 0.98
N VAL D 83 -21.53 -12.68 2.31
CA VAL D 83 -20.37 -12.22 3.08
C VAL D 83 -19.10 -12.82 2.52
N VAL D 84 -19.08 -14.16 2.42
CA VAL D 84 -17.85 -14.88 2.15
C VAL D 84 -17.45 -14.74 0.68
N ASP D 85 -18.41 -14.79 -0.24
CA ASP D 85 -18.06 -14.78 -1.66
C ASP D 85 -17.38 -13.48 -2.06
N ASP D 86 -17.95 -12.34 -1.62
CA ASP D 86 -17.31 -11.07 -1.90
C ASP D 86 -15.93 -10.98 -1.26
N LEU D 87 -15.73 -11.69 -0.15
CA LEU D 87 -14.40 -11.80 0.43
C LEU D 87 -13.52 -12.74 -0.38
N GLU D 88 -14.09 -13.85 -0.87
CA GLU D 88 -13.36 -14.72 -1.78
C GLU D 88 -12.85 -13.95 -2.99
N TRP D 89 -13.72 -13.12 -3.59
CA TRP D 89 -13.31 -12.40 -4.79
C TRP D 89 -12.31 -11.31 -4.45
N THR D 90 -12.55 -10.57 -3.36
CA THR D 90 -11.53 -9.64 -2.91
C THR D 90 -10.20 -10.35 -2.72
N LEU D 91 -10.23 -11.57 -2.18
CA LEU D 91 -9.02 -12.39 -2.10
C LEU D 91 -8.68 -13.05 -3.41
N SER D 92 -9.64 -13.18 -4.32
CA SER D 92 -9.33 -13.73 -5.64
C SER D 92 -8.40 -12.81 -6.42
N LYS D 93 -8.43 -11.50 -6.12
CA LYS D 93 -7.66 -10.52 -6.86
C LYS D 93 -6.47 -9.97 -6.09
N PHE D 94 -6.49 -10.02 -4.76
CA PHE D 94 -5.39 -9.49 -3.97
C PHE D 94 -4.28 -10.52 -3.80
N VAL D 95 -4.63 -11.79 -3.72
CA VAL D 95 -3.65 -12.85 -3.51
C VAL D 95 -3.09 -13.24 -4.88
N ALA D 96 -2.05 -12.52 -5.31
CA ALA D 96 -1.52 -12.68 -6.65
C ALA D 96 -0.09 -13.19 -6.69
N ASP D 97 0.67 -13.12 -5.60
CA ASP D 97 2.03 -13.64 -5.58
C ASP D 97 2.36 -14.12 -4.16
N ALA D 98 3.58 -14.61 -3.98
CA ALA D 98 4.00 -15.16 -2.70
C ALA D 98 3.88 -14.12 -1.60
N ASP D 99 4.45 -12.92 -1.82
CA ASP D 99 4.47 -11.92 -0.77
C ASP D 99 3.11 -11.28 -0.52
N ARG D 100 2.15 -11.46 -1.44
CA ARG D 100 0.79 -11.03 -1.17
C ARG D 100 0.07 -11.99 -0.24
N ARG D 101 0.22 -13.30 -0.46
CA ARG D 101 -0.30 -14.26 0.50
C ARG D 101 0.35 -14.06 1.86
N GLU D 102 1.69 -14.04 1.90
CA GLU D 102 2.42 -13.86 3.15
C GLU D 102 1.87 -12.70 3.96
N ARG D 103 1.41 -11.65 3.26
CA ARG D 103 0.80 -10.53 3.95
C ARG D 103 -0.55 -10.92 4.53
N VAL D 104 -1.47 -11.41 3.69
CA VAL D 104 -2.78 -11.84 4.17
C VAL D 104 -2.63 -12.76 5.37
N GLU D 105 -1.57 -13.58 5.38
CA GLU D 105 -1.37 -14.52 6.46
C GLU D 105 -1.02 -13.81 7.76
N THR D 106 -0.15 -12.79 7.68
CA THR D 106 0.22 -12.05 8.88
C THR D 106 -0.95 -11.23 9.41
N ILE D 107 -1.87 -10.84 8.52
CA ILE D 107 -3.05 -10.10 8.96
C ILE D 107 -3.88 -10.98 9.89
N VAL D 108 -4.32 -12.14 9.41
CA VAL D 108 -5.25 -12.92 10.20
C VAL D 108 -4.55 -13.70 11.30
N ALA D 109 -3.24 -13.92 11.19
CA ALA D 109 -2.51 -14.42 12.34
C ALA D 109 -2.69 -13.49 13.53
N ASP D 110 -2.82 -12.19 13.28
CA ASP D 110 -3.00 -11.21 14.34
C ASP D 110 -4.48 -11.02 14.68
N ASP D 111 -5.36 -11.05 13.68
CA ASP D 111 -6.79 -11.03 13.97
C ASP D 111 -7.17 -12.19 14.90
N ALA D 112 -6.49 -13.32 14.78
CA ALA D 112 -6.71 -14.43 15.70
C ALA D 112 -5.99 -14.20 17.01
N ALA D 113 -4.77 -13.64 16.96
CA ALA D 113 -4.05 -13.32 18.19
C ALA D 113 -4.88 -12.44 19.10
N ALA D 114 -5.76 -11.61 18.53
CA ALA D 114 -6.57 -10.68 19.31
C ALA D 114 -7.95 -11.25 19.61
N LEU D 115 -7.96 -12.47 20.14
CA LEU D 115 -9.17 -13.07 20.69
C LEU D 115 -8.81 -13.80 21.98
N GLU D 116 -7.88 -13.22 22.74
CA GLU D 116 -7.15 -13.92 23.79
C GLU D 116 -6.28 -14.97 23.08
N HIS D 117 -6.00 -16.08 23.75
CA HIS D 117 -5.25 -17.18 23.13
C HIS D 117 -3.88 -16.71 22.65
#